data_8RKI
#
_entry.id   8RKI
#
_cell.length_a   108.350
_cell.length_b   108.350
_cell.length_c   255.070
_cell.angle_alpha   90.000
_cell.angle_beta   90.000
_cell.angle_gamma   120.000
#
_symmetry.space_group_name_H-M   'P 31 2 1'
#
loop_
_entity.id
_entity.type
_entity.pdbx_description
1 polymer 'Zona pellucida sperm-binding protein 3'
2 polymer 'Choriogenin H'
3 polymer 'Choriogenin H'
4 branched beta-D-mannopyranose-(1-4)-2-acetamido-2-deoxy-beta-D-glucopyranose-(1-4)-2-acetamido-2-deoxy-beta-D-glucopyranose
5 non-polymer 'YTTERBIUM (III) ION'
#
loop_
_entity_poly.entity_id
_entity_poly.type
_entity_poly.pdbx_seq_one_letter_code
_entity_poly.pdbx_strand_id
1 'polypeptide(L)'
;YPVPAATVAVECREDLAHVEAKKDLFGIGQFIDPADLTLGTCPPSAEDPAAQVLIFESPLQNCGSVLTMTEDSLVYTFTL
NYNPKPLGSAPVVRTSQAVVIVECHYPRKHNVSSLALDPLWVPFSAAKMAEEFLYFTLKLTTDDFQFERPSYQYFLGDLI
HIEATVKQYFHVPLRVYVDRCVATLSPDANSSPSYAFIDNYGCLLDGRITGSDSKFVSRPAENKLDFQLEAFRFQGADSG
MIYITCHLKATSAAYPLDAEHRACSYIQGWKEVSGADPICASCESGGFEVHANAVVSHGTSTLSGGGHGTGKPSDPSRKT
;
A
2 'polypeptide(L)'
;SPLSIAELGPLNVYLQIANGQCQTKGCDEAAAAYTSFYTDADYPVTKVLRDPVYVDVQILGRTDPNLVLTLGRCWATTSP
NAFSLPQWDILIDGCPYADDRYLSALVPIDHSSGLPFPTHHSRFLFKMFTFVDPHSMEPLREKVYIHCSTAACVPGQGVS
CEPSCSRRKG
;
B
3 'polypeptide(L)'
;TPPIGPPPPKSCEVPRDVRVPCGVPDISPSACDAIDCCHDGQSCYFGTGATVQCTKDGHFIVVVAKDVTLPHIDLETISL
LGQGQDCGPADSNSAFAIYYFPVTYCGTVVMEEPGVIVYENRMTSSYEVGVGPLGAITRDSSFELLFQCRYRATSVETLV
VEVQPPD
;
C
#
loop_
_chem_comp.id
_chem_comp.type
_chem_comp.name
_chem_comp.formula
BMA D-saccharide, beta linking beta-D-mannopyranose 'C6 H12 O6'
NAG D-saccharide, beta linking 2-acetamido-2-deoxy-beta-D-glucopyranose 'C8 H15 N O6'
YB non-polymer 'YTTERBIUM (III) ION' 'Yb 3'
#
# COMPACT_ATOMS: atom_id res chain seq x y z
N VAL A 8 -43.57 -52.52 -1.64
CA VAL A 8 -43.08 -51.55 -0.67
C VAL A 8 -41.81 -50.88 -1.20
N ALA A 9 -41.85 -49.56 -1.30
CA ALA A 9 -40.70 -48.80 -1.79
C ALA A 9 -40.60 -47.47 -1.06
N VAL A 10 -39.43 -46.84 -1.16
CA VAL A 10 -39.15 -45.61 -0.43
C VAL A 10 -38.42 -44.63 -1.35
N GLU A 11 -38.72 -43.35 -1.17
CA GLU A 11 -38.00 -42.24 -1.78
C GLU A 11 -37.50 -41.33 -0.65
N CYS A 12 -36.20 -41.07 -0.64
CA CYS A 12 -35.54 -40.30 0.41
C CYS A 12 -35.27 -38.90 -0.12
N ARG A 13 -36.28 -38.03 0.00
CA ARG A 13 -36.14 -36.65 -0.46
C ARG A 13 -35.28 -35.86 0.51
N GLU A 14 -35.06 -34.57 0.18
CA GLU A 14 -34.15 -33.77 0.99
C GLU A 14 -34.67 -33.59 2.42
N ASP A 15 -35.96 -33.30 2.59
CA ASP A 15 -36.51 -32.97 3.89
C ASP A 15 -37.67 -33.85 4.34
N LEU A 16 -38.17 -34.75 3.49
CA LEU A 16 -39.23 -35.67 3.89
C LEU A 16 -39.01 -37.01 3.20
N ALA A 17 -39.59 -38.06 3.79
CA ALA A 17 -39.53 -39.41 3.29
C ALA A 17 -40.89 -39.84 2.77
N HIS A 18 -40.90 -40.47 1.60
CA HIS A 18 -42.12 -40.94 0.94
C HIS A 18 -42.07 -42.46 0.87
N VAL A 19 -43.04 -43.12 1.49
CA VAL A 19 -43.00 -44.57 1.67
C VAL A 19 -44.27 -45.15 1.07
N GLU A 20 -44.16 -45.78 -0.09
CA GLU A 20 -45.30 -46.40 -0.76
C GLU A 20 -45.37 -47.86 -0.31
N ALA A 21 -46.25 -48.15 0.64
CA ALA A 21 -46.51 -49.51 1.07
C ALA A 21 -47.69 -50.07 0.26
N LYS A 22 -47.75 -51.39 0.17
CA LYS A 22 -48.79 -52.05 -0.60
C LYS A 22 -49.95 -52.46 0.31
N LYS A 23 -51.18 -52.31 -0.20
CA LYS A 23 -52.33 -52.82 0.53
C LYS A 23 -52.24 -54.33 0.71
N ASP A 24 -51.89 -55.04 -0.36
CA ASP A 24 -51.68 -56.49 -0.31
C ASP A 24 -50.28 -56.79 0.24
N LEU A 25 -50.07 -56.33 1.48
CA LEU A 25 -48.74 -56.43 2.09
C LEU A 25 -48.23 -57.87 2.08
N PHE A 26 -49.11 -58.83 2.38
CA PHE A 26 -48.71 -60.23 2.41
C PHE A 26 -48.75 -60.88 1.04
N GLY A 27 -49.26 -60.19 0.02
CA GLY A 27 -49.31 -60.77 -1.31
C GLY A 27 -50.19 -62.00 -1.43
N ILE A 28 -51.28 -62.04 -0.66
CA ILE A 28 -52.14 -63.22 -0.58
C ILE A 28 -53.57 -62.89 -0.99
N GLY A 29 -53.79 -61.74 -1.63
CA GLY A 29 -55.13 -61.35 -2.00
C GLY A 29 -56.03 -61.18 -0.78
N GLN A 30 -55.54 -60.48 0.23
CA GLN A 30 -56.24 -60.28 1.48
C GLN A 30 -56.42 -58.79 1.74
N PHE A 31 -57.40 -58.47 2.58
CA PHE A 31 -57.73 -57.06 2.85
C PHE A 31 -56.55 -56.35 3.53
N ILE A 32 -56.07 -56.89 4.64
CA ILE A 32 -55.03 -56.24 5.43
C ILE A 32 -55.55 -54.88 5.89
N ASP A 33 -54.72 -54.14 6.61
CA ASP A 33 -54.90 -52.75 6.99
C ASP A 33 -56.33 -52.34 7.36
N PRO A 34 -56.87 -52.80 8.49
CA PRO A 34 -58.00 -52.12 9.14
C PRO A 34 -57.52 -50.96 10.01
N ALA A 35 -56.62 -50.14 9.46
CA ALA A 35 -55.98 -49.02 10.15
C ALA A 35 -55.09 -49.48 11.31
N ASP A 36 -54.67 -50.75 11.30
CA ASP A 36 -53.83 -51.31 12.35
C ASP A 36 -52.35 -51.27 12.04
N LEU A 37 -51.91 -50.30 11.23
CA LEU A 37 -50.52 -50.22 10.80
C LEU A 37 -49.98 -48.81 10.96
N THR A 38 -48.70 -48.71 11.28
CA THR A 38 -48.03 -47.43 11.46
C THR A 38 -46.65 -47.48 10.84
N LEU A 39 -46.17 -46.33 10.38
CA LEU A 39 -44.77 -46.17 9.97
C LEU A 39 -44.06 -45.48 11.12
N GLY A 40 -43.25 -46.25 11.86
CA GLY A 40 -42.71 -45.75 13.11
C GLY A 40 -43.83 -45.56 14.12
N THR A 41 -44.15 -44.30 14.42
CA THR A 41 -45.28 -43.97 15.29
C THR A 41 -46.42 -43.28 14.55
N CYS A 42 -46.15 -42.70 13.37
CA CYS A 42 -47.17 -41.99 12.59
C CYS A 42 -47.80 -42.93 11.57
N PRO A 43 -49.12 -42.96 11.43
CA PRO A 43 -49.74 -43.82 10.43
C PRO A 43 -50.45 -43.02 9.35
N PRO A 44 -49.73 -42.23 8.57
CA PRO A 44 -50.38 -41.50 7.46
C PRO A 44 -50.69 -42.43 6.30
N SER A 45 -51.88 -42.26 5.73
CA SER A 45 -52.34 -43.08 4.62
C SER A 45 -53.07 -42.20 3.62
N ALA A 46 -52.56 -42.13 2.40
CA ALA A 46 -53.21 -41.38 1.32
C ALA A 46 -54.04 -42.37 0.52
N GLU A 47 -55.36 -42.22 0.59
CA GLU A 47 -56.29 -43.09 -0.11
C GLU A 47 -55.82 -43.37 -1.54
N ASP A 48 -55.80 -44.65 -1.90
CA ASP A 48 -55.33 -45.09 -3.21
C ASP A 48 -56.23 -46.22 -3.68
N PRO A 49 -57.39 -45.91 -4.24
CA PRO A 49 -58.33 -46.94 -4.68
C PRO A 49 -58.09 -47.49 -6.09
N ALA A 50 -56.93 -47.21 -6.68
CA ALA A 50 -56.63 -47.67 -8.04
C ALA A 50 -55.35 -48.48 -8.13
N ALA A 51 -54.27 -48.04 -7.47
CA ALA A 51 -53.03 -48.79 -7.41
C ALA A 51 -52.90 -49.62 -6.14
N GLN A 52 -53.84 -49.49 -5.20
CA GLN A 52 -53.81 -50.23 -3.95
C GLN A 52 -52.47 -50.06 -3.25
N VAL A 53 -51.99 -48.82 -3.21
CA VAL A 53 -50.75 -48.45 -2.54
C VAL A 53 -51.08 -47.40 -1.49
N LEU A 54 -50.91 -47.75 -0.22
CA LEU A 54 -51.03 -46.78 0.86
C LEU A 54 -49.75 -45.94 0.90
N ILE A 55 -49.91 -44.63 0.74
CA ILE A 55 -48.79 -43.71 0.61
C ILE A 55 -48.56 -43.05 1.96
N PHE A 56 -47.45 -43.39 2.61
CA PHE A 56 -47.01 -42.76 3.84
C PHE A 56 -46.07 -41.60 3.52
N GLU A 57 -46.10 -40.59 4.39
CA GLU A 57 -45.14 -39.50 4.33
C GLU A 57 -44.70 -39.16 5.75
N SER A 58 -43.42 -38.83 5.90
CA SER A 58 -42.93 -38.46 7.22
C SER A 58 -41.64 -37.66 7.13
N PRO A 59 -41.52 -36.53 7.83
CA PRO A 59 -40.23 -35.82 7.83
C PRO A 59 -39.11 -36.72 8.32
N LEU A 60 -37.90 -36.47 7.80
CA LEU A 60 -36.79 -37.39 8.01
C LEU A 60 -36.47 -37.57 9.49
N GLN A 61 -36.65 -36.53 10.29
CA GLN A 61 -36.31 -36.57 11.71
C GLN A 61 -37.51 -36.89 12.60
N ASN A 62 -38.65 -37.27 12.02
CA ASN A 62 -39.89 -37.49 12.76
C ASN A 62 -40.24 -38.97 12.81
N CYS A 63 -41.36 -39.26 13.47
CA CYS A 63 -41.93 -40.61 13.55
C CYS A 63 -40.92 -41.61 14.10
N GLY A 64 -40.08 -41.16 15.03
CA GLY A 64 -39.12 -42.04 15.66
C GLY A 64 -37.97 -42.45 14.78
N SER A 65 -37.64 -41.65 13.76
CA SER A 65 -36.50 -41.97 12.93
C SER A 65 -35.22 -41.91 13.75
N VAL A 66 -34.28 -42.80 13.42
CA VAL A 66 -32.97 -42.82 14.06
C VAL A 66 -31.95 -42.29 13.07
N LEU A 67 -31.29 -41.19 13.43
CA LEU A 67 -30.21 -40.63 12.63
C LEU A 67 -28.89 -41.20 13.11
N THR A 68 -28.14 -41.80 12.17
CA THR A 68 -26.88 -42.47 12.43
C THR A 68 -25.86 -41.97 11.41
N MET A 69 -24.58 -42.26 11.64
CA MET A 69 -23.54 -41.74 10.77
C MET A 69 -22.46 -42.79 10.55
N THR A 70 -21.80 -42.68 9.40
CA THR A 70 -20.66 -43.50 9.05
C THR A 70 -19.55 -42.59 8.51
N GLU A 71 -18.39 -43.18 8.23
CA GLU A 71 -17.28 -42.43 7.65
C GLU A 71 -17.74 -41.66 6.43
N ASP A 72 -18.64 -42.25 5.65
CA ASP A 72 -19.02 -41.73 4.34
C ASP A 72 -20.47 -41.29 4.25
N SER A 73 -21.37 -41.80 5.09
CA SER A 73 -22.79 -41.59 4.92
C SER A 73 -23.48 -41.34 6.25
N LEU A 74 -24.51 -40.51 6.20
CA LEU A 74 -25.54 -40.44 7.22
C LEU A 74 -26.61 -41.49 6.92
N VAL A 75 -27.43 -41.79 7.94
CA VAL A 75 -28.46 -42.80 7.84
C VAL A 75 -29.70 -42.35 8.60
N TYR A 76 -30.87 -42.57 8.02
CA TYR A 76 -32.14 -42.37 8.69
C TYR A 76 -32.89 -43.69 8.67
N THR A 77 -33.23 -44.20 9.84
CA THR A 77 -33.91 -45.48 9.97
C THR A 77 -35.34 -45.25 10.44
N PHE A 78 -36.29 -45.86 9.74
CA PHE A 78 -37.69 -45.89 10.10
C PHE A 78 -38.11 -47.34 10.32
N THR A 79 -38.88 -47.55 11.38
CA THR A 79 -39.47 -48.84 11.75
C THR A 79 -40.90 -48.84 11.23
N LEU A 80 -41.15 -49.54 10.12
CA LEU A 80 -42.54 -49.72 9.69
C LEU A 80 -43.13 -50.92 10.42
N ASN A 81 -44.14 -50.67 11.27
CA ASN A 81 -44.75 -51.67 12.14
C ASN A 81 -46.19 -51.94 11.72
N TYR A 82 -46.60 -53.20 11.87
CA TYR A 82 -47.99 -53.62 11.71
C TYR A 82 -48.35 -54.57 12.84
N ASN A 83 -49.27 -54.14 13.70
CA ASN A 83 -49.70 -54.87 14.89
C ASN A 83 -51.23 -54.97 14.88
N PRO A 84 -51.78 -55.94 14.15
CA PRO A 84 -53.24 -55.98 13.98
C PRO A 84 -53.98 -56.31 15.29
N LYS A 85 -55.13 -55.66 15.45
CA LYS A 85 -56.02 -55.95 16.56
C LYS A 85 -56.86 -57.19 16.24
N PRO A 86 -57.21 -57.98 17.25
CA PRO A 86 -58.17 -59.07 17.01
C PRO A 86 -59.49 -58.51 16.51
N LEU A 87 -60.09 -59.21 15.55
CA LEU A 87 -61.35 -58.80 14.94
C LEU A 87 -62.49 -59.65 15.49
N GLY A 88 -63.62 -59.00 15.78
CA GLY A 88 -64.72 -59.66 16.44
C GLY A 88 -64.49 -59.76 17.94
N SER A 89 -65.34 -60.55 18.58
CA SER A 89 -65.21 -60.80 20.03
C SER A 89 -64.36 -62.04 20.30
N ALA A 90 -63.15 -62.06 19.73
CA ALA A 90 -62.25 -63.19 19.87
C ALA A 90 -60.82 -62.70 19.73
N PRO A 91 -59.85 -63.43 20.27
CA PRO A 91 -58.44 -63.04 20.13
C PRO A 91 -57.76 -63.52 18.86
N VAL A 92 -58.50 -64.03 17.89
CA VAL A 92 -57.91 -64.64 16.70
C VAL A 92 -57.45 -63.54 15.76
N VAL A 93 -56.15 -63.52 15.45
CA VAL A 93 -55.58 -62.60 14.48
C VAL A 93 -55.29 -63.38 13.20
N ARG A 94 -55.73 -62.84 12.06
CA ARG A 94 -55.60 -63.57 10.80
C ARG A 94 -54.18 -63.52 10.24
N THR A 95 -53.43 -62.45 10.50
CA THR A 95 -52.11 -62.27 9.91
C THR A 95 -51.12 -61.89 10.99
N SER A 96 -49.84 -62.13 10.70
CA SER A 96 -48.76 -61.83 11.62
C SER A 96 -48.46 -60.34 11.62
N GLN A 97 -47.74 -59.90 12.65
CA GLN A 97 -47.21 -58.56 12.66
C GLN A 97 -46.14 -58.43 11.58
N ALA A 98 -45.86 -57.18 11.17
CA ALA A 98 -44.85 -56.97 10.15
C ALA A 98 -43.94 -55.83 10.54
N VAL A 99 -42.65 -55.97 10.18
CA VAL A 99 -41.64 -54.98 10.48
C VAL A 99 -40.74 -54.85 9.27
N VAL A 100 -40.51 -53.61 8.82
CA VAL A 100 -39.62 -53.36 7.70
C VAL A 100 -38.61 -52.28 8.07
N ILE A 101 -37.32 -52.62 7.94
CA ILE A 101 -36.21 -51.70 8.13
C ILE A 101 -36.19 -50.74 6.95
N VAL A 102 -36.22 -49.44 7.22
CA VAL A 102 -36.15 -48.45 6.15
C VAL A 102 -34.95 -47.56 6.41
N GLU A 103 -33.98 -47.59 5.49
CA GLU A 103 -32.76 -46.81 5.63
C GLU A 103 -32.63 -45.82 4.48
N CYS A 104 -32.30 -44.59 4.82
CA CYS A 104 -31.97 -43.54 3.85
C CYS A 104 -30.56 -43.05 4.15
N HIS A 105 -29.64 -43.27 3.21
CA HIS A 105 -28.27 -42.82 3.37
C HIS A 105 -28.05 -41.50 2.64
N TYR A 106 -27.17 -40.66 3.22
CA TYR A 106 -26.87 -39.34 2.66
C TYR A 106 -25.38 -39.02 2.69
N PRO A 107 -24.76 -38.69 1.54
CA PRO A 107 -23.36 -38.26 1.57
C PRO A 107 -23.21 -36.96 2.34
N ARG A 108 -22.27 -36.94 3.28
CA ARG A 108 -22.15 -35.84 4.22
C ARG A 108 -20.96 -34.92 3.96
N LYS A 109 -20.03 -35.32 3.10
CA LYS A 109 -18.82 -34.56 2.82
C LYS A 109 -18.90 -33.97 1.43
N HIS A 110 -18.72 -32.66 1.33
CA HIS A 110 -18.84 -31.93 0.08
C HIS A 110 -17.78 -30.84 0.00
N ASN A 111 -17.19 -30.67 -1.19
CA ASN A 111 -16.22 -29.60 -1.45
C ASN A 111 -16.95 -28.46 -2.17
N VAL A 112 -17.49 -27.55 -1.39
CA VAL A 112 -18.25 -26.42 -1.94
C VAL A 112 -17.30 -25.25 -2.18
N SER A 113 -17.31 -24.73 -3.41
CA SER A 113 -16.42 -23.67 -3.85
C SER A 113 -17.21 -22.38 -4.11
N SER A 114 -16.49 -21.37 -4.58
CA SER A 114 -17.07 -20.05 -4.84
C SER A 114 -16.64 -19.60 -6.23
N LEU A 115 -17.20 -18.46 -6.65
CA LEU A 115 -16.92 -17.89 -7.95
C LEU A 115 -15.71 -16.95 -7.86
N ALA A 116 -15.39 -16.30 -8.96
CA ALA A 116 -14.16 -15.52 -9.05
C ALA A 116 -14.26 -14.21 -8.30
N LEU A 117 -13.18 -13.83 -7.62
CA LEU A 117 -13.01 -12.51 -7.02
C LEU A 117 -11.78 -11.86 -7.63
N ASP A 118 -11.95 -10.65 -8.16
CA ASP A 118 -10.85 -9.96 -8.83
C ASP A 118 -10.06 -9.14 -7.82
N PRO A 119 -8.79 -9.47 -7.57
CA PRO A 119 -8.01 -8.67 -6.60
C PRO A 119 -7.65 -7.31 -7.19
N LEU A 120 -7.91 -6.26 -6.42
CA LEU A 120 -7.68 -4.89 -6.87
C LEU A 120 -6.73 -4.18 -5.92
N TRP A 121 -5.69 -3.56 -6.49
CA TRP A 121 -4.81 -2.66 -5.78
C TRP A 121 -4.23 -1.67 -6.77
N VAL A 122 -3.59 -0.63 -6.25
CA VAL A 122 -2.96 0.37 -7.10
C VAL A 122 -1.55 0.64 -6.57
N PRO A 123 -0.50 0.20 -7.25
CA PRO A 123 0.85 0.58 -6.85
C PRO A 123 1.14 2.02 -7.23
N PHE A 124 2.19 2.57 -6.63
CA PHE A 124 2.61 3.93 -6.91
C PHE A 124 4.04 3.95 -7.43
N SER A 125 4.24 4.62 -8.56
CA SER A 125 5.58 4.83 -9.11
C SER A 125 5.59 6.17 -9.83
N ALA A 126 6.56 7.02 -9.49
CA ALA A 126 6.65 8.35 -10.08
C ALA A 126 8.08 8.86 -9.91
N ALA A 127 8.37 9.96 -10.58
CA ALA A 127 9.69 10.60 -10.52
C ALA A 127 9.48 12.10 -10.35
N LYS A 128 9.36 12.55 -9.10
CA LYS A 128 9.18 13.96 -8.81
C LYS A 128 10.52 14.69 -8.92
N MET A 129 10.45 16.01 -8.87
CA MET A 129 11.64 16.85 -8.97
C MET A 129 11.31 18.25 -8.46
N ALA A 130 12.32 18.91 -7.89
CA ALA A 130 12.18 20.27 -7.41
C ALA A 130 13.53 20.96 -7.55
N GLU A 131 13.48 22.29 -7.68
CA GLU A 131 14.69 23.08 -7.93
C GLU A 131 14.78 24.23 -6.93
N GLU A 132 16.01 24.74 -6.80
CA GLU A 132 16.32 25.77 -5.82
C GLU A 132 17.62 26.43 -6.26
N PHE A 133 17.96 27.54 -5.59
CA PHE A 133 19.19 28.27 -5.85
C PHE A 133 20.14 28.13 -4.69
N LEU A 134 21.43 28.18 -4.99
CA LEU A 134 22.45 28.28 -3.95
C LEU A 134 22.43 29.68 -3.34
N TYR A 135 23.28 29.88 -2.34
CA TYR A 135 23.47 31.18 -1.72
C TYR A 135 24.88 31.66 -1.98
N PHE A 136 25.01 32.87 -2.51
CA PHE A 136 26.30 33.48 -2.81
C PHE A 136 26.36 34.88 -2.21
N THR A 137 27.58 35.39 -2.03
CA THR A 137 27.80 36.77 -1.66
C THR A 137 29.15 37.24 -2.18
N LEU A 138 29.16 38.48 -2.69
CA LEU A 138 30.38 39.22 -2.96
C LEU A 138 30.40 40.42 -2.02
N LYS A 139 31.46 40.58 -1.24
CA LYS A 139 31.47 41.64 -0.26
C LYS A 139 32.87 42.21 -0.07
N LEU A 140 32.90 43.44 0.44
CA LEU A 140 34.15 44.09 0.81
C LEU A 140 34.63 43.56 2.14
N THR A 141 35.95 43.57 2.33
CA THR A 141 36.57 43.10 3.56
C THR A 141 37.57 44.14 4.05
N THR A 142 37.76 44.16 5.36
CA THR A 142 38.86 44.92 5.94
C THR A 142 40.18 44.33 5.47
N ASP A 143 41.29 44.81 6.02
CA ASP A 143 42.61 44.47 5.49
C ASP A 143 43.12 43.12 5.97
N ASP A 144 42.37 42.40 6.81
CA ASP A 144 42.74 41.05 7.23
C ASP A 144 41.79 40.00 6.67
N PHE A 145 40.82 40.37 5.84
CA PHE A 145 39.86 39.46 5.23
C PHE A 145 38.96 38.78 6.25
N GLN A 146 38.92 39.27 7.49
CA GLN A 146 38.10 38.66 8.53
C GLN A 146 36.81 39.41 8.79
N PHE A 147 36.81 40.73 8.60
CA PHE A 147 35.67 41.57 8.96
C PHE A 147 35.25 42.41 7.78
N GLU A 148 34.01 42.90 7.84
CA GLU A 148 33.47 43.76 6.80
C GLU A 148 34.07 45.16 6.92
N ARG A 149 34.35 45.78 5.77
CA ARG A 149 34.74 47.19 5.71
C ARG A 149 33.64 47.98 5.01
N PRO A 150 32.69 48.56 5.75
CA PRO A 150 31.65 49.36 5.10
C PRO A 150 32.14 50.69 4.55
N SER A 151 33.35 51.13 4.92
CA SER A 151 33.93 52.35 4.37
C SER A 151 34.46 52.01 2.97
N TYR A 152 33.53 51.93 2.01
CA TYR A 152 33.87 51.53 0.66
C TYR A 152 34.71 52.56 -0.09
N GLN A 153 35.11 53.64 0.55
CA GLN A 153 35.91 54.67 -0.11
C GLN A 153 37.38 54.41 0.11
N TYR A 154 38.15 54.40 -0.98
CA TYR A 154 39.59 54.19 -0.96
C TYR A 154 40.27 55.28 -1.77
N PHE A 155 41.58 55.39 -1.62
CA PHE A 155 42.38 56.31 -2.41
C PHE A 155 43.01 55.59 -3.60
N LEU A 156 43.55 56.37 -4.52
CA LEU A 156 44.23 55.79 -5.68
C LEU A 156 45.47 55.04 -5.21
N GLY A 157 45.60 53.80 -5.68
CA GLY A 157 46.71 52.96 -5.33
C GLY A 157 46.50 52.11 -4.10
N ASP A 158 45.53 52.47 -3.25
CA ASP A 158 45.20 51.63 -2.11
C ASP A 158 44.74 50.26 -2.58
N LEU A 159 44.81 49.29 -1.67
CA LEU A 159 44.42 47.92 -1.96
C LEU A 159 42.99 47.70 -1.45
N ILE A 160 42.05 47.57 -2.38
CA ILE A 160 40.68 47.21 -2.06
C ILE A 160 40.66 45.70 -1.84
N HIS A 161 40.46 45.29 -0.59
CA HIS A 161 40.38 43.88 -0.22
C HIS A 161 38.95 43.40 -0.40
N ILE A 162 38.77 42.27 -1.09
CA ILE A 162 37.44 41.78 -1.41
C ILE A 162 37.36 40.27 -1.16
N GLU A 163 36.24 39.83 -0.59
CA GLU A 163 35.95 38.43 -0.36
C GLU A 163 34.75 38.00 -1.19
N ALA A 164 34.83 36.79 -1.74
CA ALA A 164 33.75 36.13 -2.44
C ALA A 164 33.45 34.83 -1.71
N THR A 165 32.19 34.62 -1.35
CA THR A 165 31.84 33.46 -0.55
C THR A 165 30.59 32.80 -1.09
N VAL A 166 30.54 31.48 -0.96
CA VAL A 166 29.34 30.69 -1.15
C VAL A 166 29.02 30.04 0.18
N LYS A 167 27.77 30.09 0.59
CA LYS A 167 27.39 29.62 1.92
C LYS A 167 27.05 28.13 1.88
N GLN A 168 27.61 27.39 2.83
CA GLN A 168 27.59 25.93 2.79
C GLN A 168 26.25 25.37 3.27
N TYR A 169 25.84 25.75 4.47
CA TYR A 169 24.69 25.14 5.15
C TYR A 169 24.97 23.63 5.21
N PHE A 170 24.03 22.78 4.77
CA PHE A 170 24.21 21.33 4.78
C PHE A 170 24.42 20.79 3.38
N HIS A 171 25.08 21.55 2.51
CA HIS A 171 25.46 21.06 1.21
C HIS A 171 26.81 20.34 1.30
N VAL A 172 27.13 19.60 0.24
CA VAL A 172 28.44 18.96 0.13
C VAL A 172 29.48 20.07 0.07
N PRO A 173 30.71 19.86 0.55
CA PRO A 173 31.71 20.93 0.51
C PRO A 173 31.86 21.49 -0.90
N LEU A 174 31.78 22.82 -1.00
CA LEU A 174 31.77 23.51 -2.26
C LEU A 174 33.03 24.34 -2.43
N ARG A 175 33.34 24.64 -3.68
CA ARG A 175 34.41 25.58 -4.03
C ARG A 175 33.82 26.61 -4.98
N VAL A 176 34.11 27.88 -4.72
CA VAL A 176 33.54 28.99 -5.49
C VAL A 176 34.63 29.54 -6.41
N TYR A 177 34.21 29.99 -7.59
CA TYR A 177 35.11 30.52 -8.60
C TYR A 177 34.58 31.84 -9.13
N VAL A 178 35.49 32.70 -9.56
CA VAL A 178 35.16 33.94 -10.22
C VAL A 178 35.40 33.74 -11.71
N ASP A 179 34.32 33.79 -12.50
CA ASP A 179 34.44 33.60 -13.94
C ASP A 179 34.78 34.89 -14.66
N ARG A 180 34.12 35.99 -14.31
CA ARG A 180 34.39 37.27 -14.96
C ARG A 180 34.00 38.41 -14.02
N CYS A 181 34.72 39.52 -14.16
CA CYS A 181 34.47 40.73 -13.37
C CYS A 181 34.83 41.93 -14.23
N VAL A 182 33.83 42.80 -14.44
CA VAL A 182 33.93 44.00 -15.26
C VAL A 182 33.67 45.21 -14.38
N ALA A 183 34.46 46.26 -14.57
CA ALA A 183 34.31 47.53 -13.88
C ALA A 183 33.73 48.56 -14.84
N THR A 184 32.78 49.36 -14.34
CA THR A 184 32.12 50.38 -15.14
C THR A 184 31.84 51.59 -14.26
N LEU A 185 31.39 52.67 -14.89
CA LEU A 185 30.98 53.88 -14.17
C LEU A 185 29.47 53.94 -13.96
N SER A 186 28.75 52.87 -14.28
CA SER A 186 27.31 52.80 -14.04
C SER A 186 26.95 51.35 -13.74
N PRO A 187 25.79 51.10 -13.13
CA PRO A 187 25.43 49.70 -12.80
C PRO A 187 25.32 48.79 -14.00
N ASP A 188 25.09 49.32 -15.20
CA ASP A 188 25.01 48.49 -16.39
C ASP A 188 26.38 47.95 -16.74
N ALA A 189 26.50 46.62 -16.83
CA ALA A 189 27.79 46.01 -17.11
C ALA A 189 28.27 46.30 -18.53
N ASN A 190 27.35 46.56 -19.45
CA ASN A 190 27.72 46.86 -20.84
C ASN A 190 27.97 48.35 -21.07
N SER A 191 27.66 49.20 -20.09
CA SER A 191 27.85 50.64 -20.27
C SER A 191 29.34 50.94 -20.41
N SER A 192 29.67 51.75 -21.40
CA SER A 192 31.04 52.22 -21.56
C SER A 192 31.26 53.45 -20.68
N PRO A 193 32.44 53.59 -20.04
CA PRO A 193 33.59 52.68 -20.11
C PRO A 193 33.39 51.39 -19.33
N SER A 194 34.03 50.32 -19.78
CA SER A 194 34.04 49.04 -19.10
C SER A 194 35.46 48.52 -19.05
N TYR A 195 35.76 47.73 -18.02
CA TYR A 195 37.08 47.12 -17.88
C TYR A 195 36.90 45.74 -17.29
N ALA A 196 37.14 44.70 -18.10
CA ALA A 196 37.04 43.31 -17.67
C ALA A 196 38.35 42.93 -17.00
N PHE A 197 38.48 43.30 -15.73
CA PHE A 197 39.72 43.03 -15.00
C PHE A 197 39.83 41.58 -14.54
N ILE A 198 38.77 40.78 -14.62
CA ILE A 198 38.91 39.33 -14.49
C ILE A 198 38.16 38.67 -15.63
N ASP A 199 38.83 37.82 -16.39
CA ASP A 199 38.21 37.19 -17.54
C ASP A 199 38.95 35.89 -17.84
N ASN A 200 38.54 35.23 -18.93
CA ASN A 200 39.14 33.97 -19.36
C ASN A 200 39.09 32.94 -18.23
N TYR A 201 37.91 32.80 -17.63
CA TYR A 201 37.67 31.81 -16.58
C TYR A 201 38.63 32.00 -15.41
N GLY A 202 38.57 33.18 -14.81
CA GLY A 202 39.30 33.45 -13.59
C GLY A 202 40.70 33.98 -13.75
N CYS A 203 41.14 34.30 -14.98
CA CYS A 203 42.45 34.90 -15.17
C CYS A 203 42.40 36.35 -14.69
N LEU A 204 43.06 36.65 -13.57
CA LEU A 204 43.13 38.02 -13.05
C LEU A 204 44.15 38.77 -13.91
N LEU A 205 43.65 39.48 -14.92
CA LEU A 205 44.52 40.12 -15.90
C LEU A 205 45.16 41.39 -15.38
N ASP A 206 44.66 41.96 -14.28
CA ASP A 206 45.17 43.25 -13.82
C ASP A 206 46.65 43.17 -13.48
N GLY A 207 47.05 42.13 -12.74
CA GLY A 207 48.45 41.97 -12.41
C GLY A 207 49.34 41.92 -13.63
N ARG A 208 48.82 41.41 -14.75
CA ARG A 208 49.61 41.34 -15.98
C ARG A 208 49.61 42.69 -16.70
N ILE A 209 48.49 43.40 -16.66
CA ILE A 209 48.34 44.61 -17.47
C ILE A 209 49.06 45.79 -16.83
N THR A 210 48.83 46.04 -15.54
CA THR A 210 49.35 47.23 -14.90
C THR A 210 50.62 47.00 -14.08
N GLY A 211 51.01 45.75 -13.87
CA GLY A 211 52.09 45.48 -12.95
C GLY A 211 51.76 45.76 -11.51
N SER A 212 50.49 45.99 -11.20
CA SER A 212 50.05 46.19 -9.83
C SER A 212 50.26 44.92 -9.01
N ASP A 213 50.12 45.06 -7.70
CA ASP A 213 50.13 43.91 -6.79
C ASP A 213 48.76 43.25 -6.68
N SER A 214 47.86 43.54 -7.62
CA SER A 214 46.54 42.91 -7.63
C SER A 214 46.69 41.40 -7.78
N LYS A 215 46.12 40.65 -6.85
CA LYS A 215 46.32 39.21 -6.91
C LYS A 215 45.29 38.50 -6.03
N PHE A 216 45.07 37.23 -6.36
CA PHE A 216 44.26 36.35 -5.52
C PHE A 216 45.02 36.04 -4.22
N VAL A 217 44.27 35.60 -3.23
CA VAL A 217 44.81 35.18 -1.94
C VAL A 217 44.34 33.76 -1.68
N SER A 218 45.22 32.92 -1.17
CA SER A 218 44.89 31.52 -0.94
C SER A 218 43.55 31.41 -0.22
N ARG A 219 42.80 30.38 -0.55
CA ARG A 219 41.45 30.21 -0.02
C ARG A 219 41.50 30.01 1.50
N PRO A 220 40.89 30.91 2.29
CA PRO A 220 40.74 30.60 3.72
C PRO A 220 39.78 29.45 3.97
N ALA A 221 38.87 29.22 3.04
CA ALA A 221 37.97 28.07 3.07
C ALA A 221 37.58 27.78 1.63
N GLU A 222 37.23 26.53 1.35
CA GLU A 222 36.86 26.17 -0.02
C GLU A 222 35.65 26.96 -0.48
N ASN A 223 34.65 27.11 0.38
CA ASN A 223 33.52 27.97 0.07
C ASN A 223 33.87 29.45 0.10
N LYS A 224 35.13 29.79 0.41
CA LYS A 224 35.59 31.16 0.47
C LYS A 224 36.67 31.40 -0.59
N LEU A 225 36.82 32.67 -0.95
CA LEU A 225 37.84 33.09 -1.89
C LEU A 225 38.13 34.56 -1.59
N ASP A 226 39.40 34.94 -1.70
CA ASP A 226 39.82 36.28 -1.34
C ASP A 226 40.72 36.85 -2.42
N PHE A 227 40.70 38.17 -2.58
CA PHE A 227 41.66 38.78 -3.49
C PHE A 227 41.79 40.26 -3.15
N GLN A 228 42.83 40.87 -3.73
CA GLN A 228 43.16 42.26 -3.50
C GLN A 228 43.33 42.94 -4.85
N LEU A 229 42.70 44.11 -5.00
CA LEU A 229 42.71 44.86 -6.25
C LEU A 229 43.28 46.25 -6.01
N GLU A 230 44.16 46.69 -6.90
CA GLU A 230 44.71 48.03 -6.81
C GLU A 230 43.71 49.02 -7.39
N ALA A 231 43.48 50.11 -6.68
CA ALA A 231 42.46 51.07 -7.07
C ALA A 231 42.90 51.84 -8.31
N PHE A 232 41.96 52.06 -9.23
CA PHE A 232 42.18 52.86 -10.42
C PHE A 232 40.93 53.68 -10.72
N ARG A 233 41.11 54.72 -11.53
CA ARG A 233 40.03 55.50 -12.08
C ARG A 233 40.11 55.43 -13.61
N PHE A 234 39.21 56.16 -14.26
CA PHE A 234 39.20 56.30 -15.71
C PHE A 234 39.52 57.75 -16.07
N GLN A 235 40.33 57.93 -17.11
CA GLN A 235 40.66 59.27 -17.57
C GLN A 235 39.39 60.02 -17.96
N GLY A 236 39.27 61.25 -17.47
CA GLY A 236 38.08 62.04 -17.69
C GLY A 236 36.93 61.77 -16.76
N ALA A 237 37.03 60.73 -15.94
CA ALA A 237 35.98 60.41 -14.97
C ALA A 237 36.06 61.39 -13.81
N ASP A 238 35.01 62.20 -13.63
CA ASP A 238 34.99 63.13 -12.52
C ASP A 238 34.65 62.42 -11.21
N SER A 239 33.75 61.44 -11.27
CA SER A 239 33.37 60.67 -10.09
C SER A 239 34.33 59.50 -9.89
N GLY A 240 34.55 59.15 -8.63
CA GLY A 240 35.32 57.98 -8.28
C GLY A 240 34.52 56.70 -8.24
N MET A 241 33.22 56.77 -8.54
CA MET A 241 32.36 55.60 -8.41
C MET A 241 32.68 54.59 -9.50
N ILE A 242 32.85 53.32 -9.10
CA ILE A 242 33.02 52.20 -10.02
C ILE A 242 32.06 51.10 -9.61
N TYR A 243 31.30 50.60 -10.59
CA TYR A 243 30.24 49.62 -10.36
C TYR A 243 30.75 48.26 -10.83
N ILE A 244 31.32 47.50 -9.90
CA ILE A 244 31.95 46.22 -10.21
C ILE A 244 30.87 45.15 -10.30
N THR A 245 30.75 44.53 -11.48
CA THR A 245 29.79 43.45 -11.71
C THR A 245 30.55 42.17 -12.05
N CYS A 246 30.24 41.09 -11.33
CA CYS A 246 30.95 39.83 -11.45
C CYS A 246 29.97 38.69 -11.67
N HIS A 247 30.52 37.54 -12.07
CA HIS A 247 29.77 36.29 -12.19
C HIS A 247 30.49 35.21 -11.38
N LEU A 248 29.72 34.46 -10.58
CA LEU A 248 30.27 33.45 -9.68
C LEU A 248 29.75 32.08 -10.03
N LYS A 249 30.62 31.08 -9.91
CA LYS A 249 30.26 29.68 -10.05
C LYS A 249 30.63 28.95 -8.76
N ALA A 250 30.03 27.77 -8.57
CA ALA A 250 30.34 26.95 -7.42
C ALA A 250 30.09 25.49 -7.77
N THR A 251 31.01 24.63 -7.33
CA THR A 251 30.90 23.18 -7.50
C THR A 251 31.43 22.52 -6.23
N SER A 252 31.30 21.19 -6.18
CA SER A 252 31.81 20.46 -5.04
C SER A 252 33.34 20.48 -5.01
N ALA A 253 33.89 20.44 -3.80
CA ALA A 253 35.34 20.36 -3.65
C ALA A 253 35.89 19.07 -4.26
N ALA A 254 35.05 18.06 -4.46
CA ALA A 254 35.48 16.85 -5.14
C ALA A 254 35.78 17.11 -6.62
N TYR A 255 35.26 18.19 -7.19
CA TYR A 255 35.53 18.49 -8.58
C TYR A 255 36.97 18.94 -8.74
N PRO A 256 37.63 18.60 -9.84
CA PRO A 256 39.05 18.98 -10.00
C PRO A 256 39.21 20.46 -10.28
N LEU A 257 40.41 20.96 -9.98
CA LEU A 257 40.87 22.23 -10.52
C LEU A 257 41.22 22.04 -11.99
N ASP A 258 40.50 22.73 -12.88
CA ASP A 258 40.61 22.50 -14.30
C ASP A 258 40.78 23.82 -15.03
N ALA A 259 40.80 23.75 -16.37
CA ALA A 259 41.06 24.92 -17.18
C ALA A 259 40.00 26.00 -17.02
N GLU A 260 38.78 25.64 -16.62
CA GLU A 260 37.70 26.60 -16.45
C GLU A 260 37.39 26.91 -14.99
N HIS A 261 37.52 25.94 -14.09
CA HIS A 261 37.27 26.15 -12.67
C HIS A 261 38.62 26.41 -11.98
N ARG A 262 39.07 27.66 -12.09
CA ARG A 262 40.37 28.04 -11.57
C ARG A 262 40.27 29.47 -11.04
N ALA A 263 41.36 29.95 -10.47
CA ALA A 263 41.46 31.33 -10.00
C ALA A 263 42.91 31.74 -10.18
N CYS A 264 43.17 32.70 -11.06
CA CYS A 264 44.54 32.96 -11.51
C CYS A 264 44.93 34.42 -11.33
N SER A 265 46.24 34.66 -11.37
CA SER A 265 46.87 35.95 -11.16
C SER A 265 48.30 35.86 -11.69
N TYR A 266 48.81 36.96 -12.21
CA TYR A 266 50.13 36.98 -12.82
C TYR A 266 51.12 37.59 -11.83
N ILE A 267 51.69 36.74 -10.97
CA ILE A 267 52.68 37.16 -9.99
C ILE A 267 54.04 36.75 -10.55
N GLN A 268 54.63 37.63 -11.37
CA GLN A 268 55.90 37.36 -12.03
C GLN A 268 55.86 35.99 -12.73
N GLY A 269 54.78 35.76 -13.48
CA GLY A 269 54.52 34.46 -14.07
C GLY A 269 53.09 34.01 -13.80
N TRP A 270 52.90 32.76 -13.41
CA TRP A 270 51.56 32.27 -13.09
C TRP A 270 51.67 31.21 -12.00
N LYS A 271 51.24 31.57 -10.78
CA LYS A 271 51.29 30.65 -9.64
C LYS A 271 50.04 30.92 -8.80
N GLU A 272 49.09 29.99 -8.79
CA GLU A 272 47.74 30.34 -8.38
C GLU A 272 47.06 29.20 -7.65
N VAL A 273 45.82 29.48 -7.21
CA VAL A 273 44.98 28.59 -6.42
C VAL A 273 45.80 27.86 -5.35
N SER A 274 46.74 28.57 -4.73
CA SER A 274 47.51 28.08 -3.60
C SER A 274 48.47 26.96 -3.96
N GLY A 275 48.84 26.83 -5.24
CA GLY A 275 49.88 25.89 -5.60
C GLY A 275 49.71 25.18 -6.93
N ALA A 276 48.46 24.97 -7.35
CA ALA A 276 48.19 24.24 -8.59
C ALA A 276 48.42 25.17 -9.78
N ASP A 277 49.69 25.54 -9.95
CA ASP A 277 50.03 26.58 -10.91
C ASP A 277 49.68 26.21 -12.34
N PRO A 278 50.09 25.04 -12.86
CA PRO A 278 49.88 24.78 -14.28
C PRO A 278 48.45 24.90 -14.73
N ILE A 279 47.49 24.85 -13.80
CA ILE A 279 46.08 24.89 -14.20
C ILE A 279 45.77 26.18 -14.97
N CYS A 280 46.52 27.25 -14.69
CA CYS A 280 46.27 28.54 -15.32
C CYS A 280 47.15 28.75 -16.54
N ALA A 281 47.71 27.67 -17.08
CA ALA A 281 48.60 27.76 -18.24
C ALA A 281 47.94 28.48 -19.40
N SER A 282 46.62 28.40 -19.52
CA SER A 282 45.90 28.99 -20.63
C SER A 282 45.51 30.45 -20.41
N CYS A 283 46.07 31.10 -19.39
CA CYS A 283 45.85 32.55 -19.23
C CYS A 283 46.81 33.38 -20.06
N GLU A 284 47.69 32.76 -20.84
CA GLU A 284 48.65 33.46 -21.69
C GLU A 284 48.03 33.97 -22.97
N SER A 285 46.71 34.02 -23.06
CA SER A 285 46.03 34.41 -24.28
C SER A 285 45.69 35.90 -24.28
N PRO B 2 -36.85 -59.70 8.94
CA PRO B 2 -37.32 -58.43 8.39
C PRO B 2 -36.68 -58.08 7.04
N LEU B 3 -37.31 -57.19 6.28
CA LEU B 3 -36.71 -56.69 5.06
C LEU B 3 -35.71 -55.58 5.39
N SER B 4 -34.98 -55.13 4.37
CA SER B 4 -34.01 -54.06 4.53
C SER B 4 -34.00 -53.18 3.28
N ILE B 5 -35.18 -52.71 2.88
CA ILE B 5 -35.27 -51.81 1.74
C ILE B 5 -34.42 -50.58 2.01
N ALA B 6 -33.78 -50.07 0.96
CA ALA B 6 -32.93 -48.90 1.09
C ALA B 6 -32.82 -48.21 -0.26
N GLU B 7 -32.55 -46.91 -0.21
CA GLU B 7 -32.32 -46.13 -1.41
C GLU B 7 -31.32 -45.03 -1.06
N LEU B 8 -30.84 -44.34 -2.08
CA LEU B 8 -29.94 -43.21 -1.89
C LEU B 8 -30.73 -41.93 -1.63
N GLY B 9 -30.02 -40.91 -1.16
CA GLY B 9 -30.63 -39.63 -0.86
C GLY B 9 -29.68 -38.48 -1.09
N PRO B 10 -30.15 -37.44 -1.78
CA PRO B 10 -29.26 -36.31 -2.09
C PRO B 10 -29.08 -35.37 -0.89
N LEU B 11 -27.97 -34.64 -0.94
CA LEU B 11 -27.67 -33.61 0.06
C LEU B 11 -26.82 -32.54 -0.60
N ASN B 12 -27.29 -31.30 -0.55
CA ASN B 12 -26.66 -30.19 -1.27
C ASN B 12 -26.17 -29.13 -0.31
N VAL B 13 -25.02 -28.54 -0.62
CA VAL B 13 -24.44 -27.43 0.14
C VAL B 13 -23.96 -26.40 -0.86
N TYR B 14 -24.04 -25.12 -0.46
CA TYR B 14 -23.50 -24.06 -1.31
C TYR B 14 -22.82 -22.99 -0.48
N LEU B 15 -21.88 -22.31 -1.13
CA LEU B 15 -21.04 -21.28 -0.53
C LEU B 15 -21.27 -19.98 -1.28
N GLN B 16 -21.58 -18.91 -0.54
CA GLN B 16 -21.85 -17.62 -1.15
C GLN B 16 -21.19 -16.50 -0.36
N ILE B 17 -21.11 -15.36 -1.03
CA ILE B 17 -20.48 -14.15 -0.53
C ILE B 17 -21.58 -13.18 -0.11
N ALA B 18 -21.44 -12.57 1.07
CA ALA B 18 -22.42 -11.62 1.57
C ALA B 18 -21.89 -10.19 1.37
N ASN B 19 -22.36 -9.25 2.19
CA ASN B 19 -21.93 -7.86 2.07
C ASN B 19 -21.89 -7.21 3.45
N GLY B 20 -20.72 -6.70 3.82
CA GLY B 20 -20.55 -5.99 5.07
C GLY B 20 -20.96 -4.54 4.97
N GLN B 21 -22.24 -4.29 4.71
CA GLN B 21 -22.78 -2.95 4.57
C GLN B 21 -23.40 -2.48 5.88
N CYS B 22 -23.60 -1.17 5.98
CA CYS B 22 -24.20 -0.56 7.17
C CYS B 22 -25.39 0.29 6.73
N GLN B 23 -26.60 -0.21 7.02
CA GLN B 23 -27.80 0.57 6.77
C GLN B 23 -27.93 1.75 7.71
N THR B 24 -27.21 1.73 8.84
CA THR B 24 -27.15 2.86 9.76
C THR B 24 -25.70 3.04 10.19
N LYS B 25 -25.38 4.26 10.64
CA LYS B 25 -24.04 4.54 11.13
C LYS B 25 -23.81 3.79 12.44
N GLY B 26 -22.65 3.12 12.53
CA GLY B 26 -22.33 2.37 13.73
C GLY B 26 -22.96 1.00 13.80
N CYS B 27 -23.32 0.42 12.65
CA CYS B 27 -23.90 -0.92 12.63
C CYS B 27 -22.81 -1.97 12.86
N ASP B 28 -23.24 -3.13 13.37
CA ASP B 28 -22.33 -4.25 13.58
C ASP B 28 -21.99 -4.88 12.23
N GLU B 29 -20.72 -4.77 11.83
CA GLU B 29 -20.33 -5.28 10.51
C GLU B 29 -20.41 -6.79 10.44
N ALA B 30 -20.12 -7.49 11.55
CA ALA B 30 -20.15 -8.95 11.54
C ALA B 30 -21.56 -9.47 11.30
N ALA B 31 -22.54 -8.91 11.99
CA ALA B 31 -23.92 -9.34 11.81
C ALA B 31 -24.51 -8.80 10.51
N ALA B 32 -24.24 -7.54 10.19
CA ALA B 32 -24.76 -6.96 8.95
C ALA B 32 -24.18 -7.64 7.72
N ALA B 33 -23.00 -8.24 7.83
CA ALA B 33 -22.35 -8.86 6.68
C ALA B 33 -23.29 -9.82 5.97
N TYR B 34 -24.00 -10.64 6.73
CA TYR B 34 -24.79 -11.74 6.18
C TYR B 34 -26.26 -11.40 6.04
N THR B 35 -26.57 -10.15 5.72
CA THR B 35 -27.95 -9.75 5.46
C THR B 35 -28.35 -9.90 4.01
N SER B 36 -27.39 -9.99 3.10
CA SER B 36 -27.67 -10.20 1.68
C SER B 36 -26.41 -10.75 1.02
N PHE B 37 -26.62 -11.42 -0.11
CA PHE B 37 -25.54 -12.12 -0.80
C PHE B 37 -25.52 -11.72 -2.27
N TYR B 38 -24.40 -12.03 -2.92
CA TYR B 38 -24.23 -11.73 -4.33
C TYR B 38 -24.91 -12.78 -5.19
N THR B 39 -25.53 -12.33 -6.28
CA THR B 39 -25.98 -13.22 -7.32
C THR B 39 -24.81 -13.49 -8.28
N ASP B 40 -25.01 -14.46 -9.17
CA ASP B 40 -23.97 -14.79 -10.14
C ASP B 40 -23.68 -13.62 -11.09
N ALA B 41 -24.60 -12.67 -11.21
CA ALA B 41 -24.40 -11.54 -12.10
C ALA B 41 -23.44 -10.50 -11.52
N ASP B 42 -23.25 -10.48 -10.20
CA ASP B 42 -22.33 -9.55 -9.58
C ASP B 42 -20.87 -9.93 -9.76
N TYR B 43 -20.59 -11.16 -10.22
CA TYR B 43 -19.21 -11.63 -10.36
C TYR B 43 -18.69 -11.35 -11.78
N PRO B 44 -17.37 -11.11 -11.94
CA PRO B 44 -16.33 -11.09 -10.91
C PRO B 44 -16.40 -9.88 -9.98
N VAL B 45 -16.54 -10.13 -8.69
CA VAL B 45 -16.67 -9.06 -7.71
C VAL B 45 -15.27 -8.53 -7.39
N THR B 46 -15.00 -7.29 -7.81
CA THR B 46 -13.72 -6.67 -7.52
C THR B 46 -13.61 -6.37 -6.02
N LYS B 47 -12.50 -6.78 -5.41
CA LYS B 47 -12.28 -6.60 -3.99
C LYS B 47 -10.89 -6.03 -3.74
N VAL B 48 -10.82 -5.04 -2.85
CA VAL B 48 -9.56 -4.38 -2.55
C VAL B 48 -8.71 -5.29 -1.66
N LEU B 49 -7.39 -5.07 -1.71
CA LEU B 49 -6.50 -5.81 -0.82
C LEU B 49 -6.67 -5.34 0.61
N ARG B 50 -6.54 -6.27 1.55
CA ARG B 50 -6.79 -6.08 2.98
C ARG B 50 -8.28 -5.97 3.30
N ASP B 51 -9.15 -5.96 2.30
CA ASP B 51 -10.58 -5.84 2.57
C ASP B 51 -11.09 -7.07 3.31
N PRO B 52 -12.15 -6.93 4.11
CA PRO B 52 -12.79 -8.11 4.71
C PRO B 52 -13.57 -8.90 3.67
N VAL B 53 -13.49 -10.23 3.78
CA VAL B 53 -14.23 -11.15 2.92
C VAL B 53 -15.02 -12.07 3.83
N TYR B 54 -16.34 -12.00 3.72
CA TYR B 54 -17.27 -12.84 4.48
C TYR B 54 -17.72 -14.01 3.62
N VAL B 55 -17.81 -15.19 4.23
CA VAL B 55 -18.11 -16.44 3.54
C VAL B 55 -19.19 -17.17 4.32
N ASP B 56 -20.27 -17.54 3.62
CA ASP B 56 -21.35 -18.30 4.21
C ASP B 56 -21.50 -19.63 3.48
N VAL B 57 -21.46 -20.72 4.23
CA VAL B 57 -21.71 -22.07 3.71
C VAL B 57 -23.02 -22.54 4.31
N GLN B 58 -23.92 -23.07 3.48
CA GLN B 58 -25.22 -23.46 3.97
C GLN B 58 -25.64 -24.81 3.38
N ILE B 59 -26.30 -25.59 4.23
CA ILE B 59 -26.96 -26.83 3.82
C ILE B 59 -28.33 -26.48 3.26
N LEU B 60 -28.64 -26.97 2.07
CA LEU B 60 -29.82 -26.54 1.33
C LEU B 60 -30.94 -27.57 1.43
N GLY B 61 -32.16 -27.06 1.59
CA GLY B 61 -33.36 -27.87 1.46
C GLY B 61 -33.56 -28.92 2.54
N ARG B 62 -33.19 -28.62 3.78
CA ARG B 62 -33.33 -29.57 4.87
C ARG B 62 -34.20 -29.00 5.98
N THR B 63 -34.95 -29.88 6.64
CA THR B 63 -35.73 -29.54 7.82
C THR B 63 -35.28 -30.29 9.06
N ASP B 64 -34.10 -30.91 9.02
CA ASP B 64 -33.59 -31.67 10.15
C ASP B 64 -32.79 -30.76 11.06
N PRO B 65 -33.22 -30.54 12.30
CA PRO B 65 -32.48 -29.64 13.20
C PRO B 65 -31.26 -30.26 13.86
N ASN B 66 -30.97 -31.54 13.60
CA ASN B 66 -29.89 -32.24 14.28
C ASN B 66 -28.55 -32.13 13.55
N LEU B 67 -28.49 -31.46 12.41
CA LEU B 67 -27.28 -31.39 11.61
C LEU B 67 -26.53 -30.08 11.89
N VAL B 68 -25.24 -30.21 12.19
CA VAL B 68 -24.36 -29.07 12.41
C VAL B 68 -23.27 -29.13 11.35
N LEU B 69 -23.17 -28.08 10.54
CA LEU B 69 -22.18 -28.02 9.48
C LEU B 69 -20.82 -27.65 10.07
N THR B 70 -19.84 -28.54 9.93
CA THR B 70 -18.47 -28.24 10.34
C THR B 70 -17.58 -28.19 9.12
N LEU B 71 -16.50 -27.43 9.22
CA LEU B 71 -15.61 -27.17 8.10
C LEU B 71 -14.27 -27.83 8.34
N GLY B 72 -13.71 -28.40 7.28
CA GLY B 72 -12.36 -28.93 7.31
C GLY B 72 -11.39 -27.92 6.75
N ARG B 73 -10.60 -28.32 5.76
CA ARG B 73 -9.69 -27.38 5.10
C ARG B 73 -10.49 -26.42 4.23
N CYS B 74 -10.18 -25.13 4.34
CA CYS B 74 -10.66 -24.13 3.40
C CYS B 74 -9.47 -23.39 2.85
N TRP B 75 -9.45 -23.15 1.53
CA TRP B 75 -8.28 -22.59 0.87
C TRP B 75 -8.71 -21.78 -0.35
N ALA B 76 -7.71 -21.28 -1.09
CA ALA B 76 -7.95 -20.48 -2.28
C ALA B 76 -6.89 -20.76 -3.31
N THR B 77 -7.27 -20.68 -4.57
CA THR B 77 -6.39 -20.95 -5.70
C THR B 77 -6.60 -19.86 -6.75
N THR B 78 -5.86 -19.97 -7.85
CA THR B 78 -5.97 -19.04 -8.96
C THR B 78 -7.08 -19.42 -9.95
N SER B 79 -7.34 -20.70 -10.11
CA SER B 79 -8.31 -21.18 -11.10
C SER B 79 -9.46 -21.89 -10.41
N PRO B 80 -10.53 -22.21 -11.15
CA PRO B 80 -11.62 -23.00 -10.53
C PRO B 80 -11.20 -24.41 -10.12
N ASN B 81 -10.11 -24.93 -10.69
CA ASN B 81 -9.61 -26.25 -10.29
C ASN B 81 -9.09 -26.16 -8.85
N ALA B 82 -9.80 -26.78 -7.91
CA ALA B 82 -9.41 -26.70 -6.50
C ALA B 82 -8.06 -27.36 -6.25
N PHE B 83 -7.54 -28.15 -7.18
CA PHE B 83 -6.24 -28.77 -7.05
C PHE B 83 -5.17 -28.04 -7.86
N SER B 84 -5.48 -26.86 -8.38
CA SER B 84 -4.52 -26.08 -9.13
C SER B 84 -3.59 -25.33 -8.17
N LEU B 85 -2.53 -24.76 -8.73
CA LEU B 85 -1.55 -23.99 -7.98
C LEU B 85 -1.47 -22.59 -8.57
N PRO B 86 -1.04 -21.60 -7.77
CA PRO B 86 -0.69 -21.69 -6.34
C PRO B 86 -1.92 -21.78 -5.45
N GLN B 87 -1.70 -22.07 -4.17
CA GLN B 87 -2.79 -22.19 -3.21
C GLN B 87 -2.42 -21.45 -1.93
N TRP B 88 -3.45 -21.11 -1.16
CA TRP B 88 -3.28 -20.51 0.17
C TRP B 88 -4.37 -21.06 1.08
N ASP B 89 -3.95 -21.54 2.25
CA ASP B 89 -4.88 -22.12 3.21
C ASP B 89 -5.66 -21.04 3.95
N ILE B 90 -6.86 -21.40 4.37
CA ILE B 90 -7.75 -20.52 5.13
C ILE B 90 -8.12 -21.14 6.47
N LEU B 91 -8.56 -22.40 6.45
CA LEU B 91 -8.96 -23.12 7.65
C LEU B 91 -8.36 -24.52 7.62
N ILE B 92 -8.07 -25.03 8.81
CA ILE B 92 -7.56 -26.39 9.03
C ILE B 92 -8.39 -27.02 10.14
N ASP B 93 -9.15 -28.05 9.83
CA ASP B 93 -9.99 -28.74 10.80
C ASP B 93 -10.92 -27.77 11.53
N GLY B 94 -11.38 -26.74 10.81
CA GLY B 94 -12.17 -25.69 11.41
C GLY B 94 -11.37 -24.60 12.07
N CYS B 95 -10.18 -24.94 12.58
CA CYS B 95 -9.33 -23.92 13.18
C CYS B 95 -8.70 -23.04 12.10
N PRO B 96 -8.43 -21.78 12.42
CA PRO B 96 -7.83 -20.89 11.42
C PRO B 96 -6.41 -21.30 11.07
N TYR B 97 -6.00 -20.95 9.85
CA TYR B 97 -4.63 -21.17 9.39
C TYR B 97 -3.72 -20.16 10.06
N ALA B 98 -2.87 -20.66 10.98
CA ALA B 98 -2.14 -19.75 11.86
C ALA B 98 -1.03 -19.00 11.13
N ASP B 99 -0.45 -19.58 10.07
CA ASP B 99 0.64 -18.95 9.35
C ASP B 99 0.11 -17.88 8.39
N ASP B 100 -0.55 -16.88 8.98
CA ASP B 100 -1.13 -15.78 8.22
C ASP B 100 -1.47 -14.67 9.21
N ARG B 101 -0.66 -13.61 9.22
CA ARG B 101 -0.89 -12.51 10.16
C ARG B 101 -2.20 -11.78 9.91
N TYR B 102 -2.79 -11.92 8.74
CA TYR B 102 -4.16 -11.46 8.48
C TYR B 102 -5.10 -12.65 8.74
N LEU B 103 -5.14 -13.05 10.01
CA LEU B 103 -5.73 -14.33 10.39
C LEU B 103 -7.20 -14.41 9.97
N SER B 104 -7.60 -15.62 9.58
CA SER B 104 -9.00 -15.92 9.37
C SER B 104 -9.68 -16.21 10.71
N ALA B 105 -11.00 -16.08 10.72
CA ALA B 105 -11.77 -16.34 11.94
C ALA B 105 -13.16 -16.82 11.57
N LEU B 106 -13.68 -17.74 12.37
CA LEU B 106 -15.06 -18.19 12.20
C LEU B 106 -16.02 -17.18 12.84
N VAL B 107 -17.22 -17.10 12.27
CA VAL B 107 -18.25 -16.20 12.77
C VAL B 107 -19.55 -16.99 12.96
N PRO B 108 -19.71 -17.73 14.06
CA PRO B 108 -20.93 -18.52 14.27
C PRO B 108 -22.02 -17.76 15.01
N ILE B 109 -22.28 -16.52 14.61
CA ILE B 109 -23.32 -15.73 15.25
C ILE B 109 -24.67 -16.28 14.81
N ASP B 110 -25.35 -16.98 15.71
CA ASP B 110 -26.66 -17.54 15.42
C ASP B 110 -27.67 -17.36 16.53
N HIS B 111 -27.25 -16.99 17.75
CA HIS B 111 -28.21 -16.62 18.77
C HIS B 111 -29.04 -15.41 18.35
N SER B 112 -28.56 -14.65 17.38
CA SER B 112 -29.24 -13.45 16.91
C SER B 112 -29.39 -13.38 15.40
N SER B 113 -28.91 -14.39 14.66
CA SER B 113 -29.03 -14.34 13.21
C SER B 113 -30.48 -14.43 12.76
N GLY B 114 -31.34 -15.08 13.55
CA GLY B 114 -32.74 -15.20 13.21
C GLY B 114 -33.05 -16.13 12.06
N LEU B 115 -32.05 -16.79 11.47
CA LEU B 115 -32.30 -17.69 10.36
C LEU B 115 -32.81 -19.04 10.86
N PRO B 116 -33.57 -19.76 10.04
CA PRO B 116 -34.02 -21.09 10.44
C PRO B 116 -32.88 -22.09 10.38
N PHE B 117 -32.92 -23.06 11.30
CA PHE B 117 -31.90 -24.10 11.40
C PHE B 117 -30.51 -23.47 11.39
N PRO B 118 -30.18 -22.66 12.41
CA PRO B 118 -28.91 -21.89 12.34
C PRO B 118 -27.67 -22.76 12.25
N THR B 119 -27.71 -23.99 12.75
CA THR B 119 -26.53 -24.85 12.73
C THR B 119 -26.22 -25.41 11.35
N HIS B 120 -27.14 -25.28 10.39
CA HIS B 120 -26.85 -25.70 9.02
C HIS B 120 -25.82 -24.79 8.36
N HIS B 121 -25.63 -23.59 8.87
CA HIS B 121 -24.70 -22.64 8.29
C HIS B 121 -23.37 -22.68 9.02
N SER B 122 -22.30 -22.40 8.27
CA SER B 122 -20.97 -22.19 8.83
C SER B 122 -20.38 -20.99 8.11
N ARG B 123 -19.96 -19.99 8.88
CA ARG B 123 -19.53 -18.72 8.32
C ARG B 123 -18.15 -18.35 8.84
N PHE B 124 -17.40 -17.63 8.02
CA PHE B 124 -16.07 -17.18 8.44
C PHE B 124 -15.63 -16.05 7.52
N LEU B 125 -14.65 -15.29 7.99
CA LEU B 125 -14.13 -14.19 7.20
C LEU B 125 -12.60 -14.17 7.25
N PHE B 126 -12.03 -13.46 6.28
CA PHE B 126 -10.59 -13.26 6.22
C PHE B 126 -10.34 -11.93 5.51
N LYS B 127 -9.09 -11.69 5.11
CA LYS B 127 -8.73 -10.47 4.39
C LYS B 127 -8.28 -10.81 2.99
N MET B 128 -8.81 -10.07 2.01
CA MET B 128 -8.49 -10.32 0.61
C MET B 128 -6.99 -10.19 0.35
N PHE B 129 -6.51 -10.94 -0.63
CA PHE B 129 -5.12 -10.88 -1.04
C PHE B 129 -5.04 -11.07 -2.54
N THR B 130 -3.81 -11.05 -3.07
CA THR B 130 -3.53 -11.46 -4.43
C THR B 130 -2.27 -12.31 -4.43
N PHE B 131 -2.19 -13.23 -5.38
CA PHE B 131 -1.07 -14.16 -5.45
C PHE B 131 0.17 -13.47 -6.02
N VAL B 132 1.33 -13.98 -5.63
CA VAL B 132 2.62 -13.41 -6.01
C VAL B 132 3.42 -14.47 -6.74
N ASP B 133 4.09 -14.05 -7.81
CA ASP B 133 4.96 -14.95 -8.55
C ASP B 133 6.08 -15.44 -7.64
N PRO B 134 6.39 -16.74 -7.65
CA PRO B 134 7.35 -17.28 -6.66
C PRO B 134 8.80 -16.88 -6.92
N HIS B 135 9.10 -16.21 -8.03
CA HIS B 135 10.48 -15.87 -8.35
C HIS B 135 10.69 -14.39 -8.69
N SER B 136 9.65 -13.67 -9.11
CA SER B 136 9.78 -12.24 -9.38
C SER B 136 9.37 -11.37 -8.19
N MET B 137 8.69 -11.94 -7.19
CA MET B 137 8.25 -11.23 -6.00
C MET B 137 7.24 -10.13 -6.33
N GLU B 138 6.73 -10.08 -7.56
CA GLU B 138 5.73 -9.09 -7.94
C GLU B 138 4.35 -9.72 -7.97
N PRO B 139 3.35 -9.10 -7.33
CA PRO B 139 2.01 -9.71 -7.34
C PRO B 139 1.45 -9.82 -8.75
N LEU B 140 0.72 -10.91 -8.99
CA LEU B 140 0.07 -11.15 -10.26
C LEU B 140 -1.36 -10.64 -10.24
N ARG B 141 -1.94 -10.50 -11.43
CA ARG B 141 -3.36 -10.21 -11.59
C ARG B 141 -4.05 -11.44 -12.19
N GLU B 142 -4.17 -12.46 -11.36
CA GLU B 142 -4.93 -13.66 -11.68
C GLU B 142 -6.02 -13.81 -10.62
N LYS B 143 -7.22 -14.17 -11.07
CA LYS B 143 -8.38 -14.11 -10.19
C LYS B 143 -8.27 -15.09 -9.03
N VAL B 144 -8.93 -14.74 -7.93
CA VAL B 144 -8.93 -15.54 -6.71
C VAL B 144 -10.19 -16.38 -6.68
N TYR B 145 -10.03 -17.68 -6.43
CA TYR B 145 -11.15 -18.60 -6.23
C TYR B 145 -11.03 -19.25 -4.86
N ILE B 146 -12.15 -19.35 -4.16
CA ILE B 146 -12.19 -19.88 -2.80
C ILE B 146 -12.87 -21.24 -2.82
N HIS B 147 -12.40 -22.15 -1.98
CA HIS B 147 -12.92 -23.50 -1.90
C HIS B 147 -12.88 -23.97 -0.45
N CYS B 148 -13.73 -24.94 -0.13
CA CYS B 148 -13.81 -25.49 1.20
C CYS B 148 -14.05 -26.99 1.15
N SER B 149 -13.95 -27.62 2.31
CA SER B 149 -14.35 -29.00 2.55
C SER B 149 -15.17 -29.02 3.83
N THR B 150 -16.27 -29.77 3.81
CA THR B 150 -17.26 -29.72 4.87
C THR B 150 -17.63 -31.13 5.30
N ALA B 151 -18.24 -31.22 6.47
CA ALA B 151 -18.71 -32.47 7.06
C ALA B 151 -19.95 -32.20 7.89
N ALA B 152 -20.88 -33.16 7.85
CA ALA B 152 -22.10 -33.11 8.65
C ALA B 152 -21.77 -33.72 10.00
N CYS B 153 -21.71 -32.89 11.04
CA CYS B 153 -21.24 -33.33 12.35
C CYS B 153 -22.46 -33.32 13.26
N VAL B 154 -23.03 -34.51 13.43
CA VAL B 154 -24.25 -34.67 14.21
C VAL B 154 -23.90 -34.94 15.68
N PRO B 155 -24.45 -34.20 16.64
CA PRO B 155 -24.21 -34.54 18.05
C PRO B 155 -24.70 -35.93 18.43
N GLY B 156 -25.81 -36.39 17.82
CA GLY B 156 -26.30 -37.73 18.07
C GLY B 156 -25.25 -38.80 17.89
N GLN B 157 -24.34 -38.60 16.95
CA GLN B 157 -23.21 -39.51 16.76
C GLN B 157 -22.24 -39.40 17.92
N GLY B 158 -22.00 -38.17 18.38
CA GLY B 158 -21.10 -37.96 19.50
C GLY B 158 -19.72 -37.58 19.02
N VAL B 159 -19.53 -36.30 18.66
CA VAL B 159 -18.26 -35.83 18.14
C VAL B 159 -18.05 -34.39 18.61
N SER B 160 -16.80 -34.02 18.84
CA SER B 160 -16.37 -32.66 19.18
C SER B 160 -15.77 -31.92 17.98
N CYS B 161 -16.43 -31.97 16.82
CA CYS B 161 -15.95 -31.29 15.61
C CYS B 161 -15.80 -29.79 15.73
N GLU B 162 -16.40 -29.19 16.75
CA GLU B 162 -16.10 -27.81 17.06
C GLU B 162 -14.58 -27.58 17.10
N PRO B 163 -14.06 -26.52 16.42
CA PRO B 163 -12.62 -26.34 16.32
C PRO B 163 -11.93 -26.17 17.66
N SER B 164 -11.17 -27.19 18.05
CA SER B 164 -10.27 -27.09 19.20
C SER B 164 -9.00 -26.41 18.73
N CYS B 165 -8.86 -25.13 19.04
CA CYS B 165 -7.84 -24.29 18.42
C CYS B 165 -6.91 -23.69 19.46
N SER B 166 -5.65 -23.54 19.05
CA SER B 166 -4.63 -22.87 19.86
C SER B 166 -4.79 -21.38 19.66
N ARG B 167 -5.49 -20.73 20.59
CA ARG B 167 -5.76 -19.30 20.50
C ARG B 167 -4.61 -18.50 21.07
N CYS C 12 -7.90 19.96 -5.21
CA CYS C 12 -7.21 20.03 -3.92
C CYS C 12 -8.21 20.06 -2.79
N GLU C 13 -8.93 18.95 -2.62
CA GLU C 13 -10.04 18.87 -1.68
C GLU C 13 -9.61 18.37 -0.31
N VAL C 14 -8.46 18.82 0.17
CA VAL C 14 -7.95 18.36 1.46
C VAL C 14 -8.85 18.87 2.57
N PRO C 15 -9.34 18.01 3.47
CA PRO C 15 -10.03 18.52 4.66
C PRO C 15 -9.11 19.39 5.49
N ARG C 16 -9.68 20.41 6.13
CA ARG C 16 -8.87 21.46 6.72
C ARG C 16 -8.15 21.02 7.99
N ASP C 17 -8.63 19.97 8.66
CA ASP C 17 -8.01 19.55 9.92
C ASP C 17 -6.71 18.79 9.73
N VAL C 18 -6.29 18.54 8.49
CA VAL C 18 -5.07 17.78 8.23
C VAL C 18 -4.23 18.48 7.17
N ARG C 19 -4.47 19.77 6.95
CA ARG C 19 -3.77 20.52 5.91
C ARG C 19 -2.39 20.92 6.40
N VAL C 20 -1.35 20.37 5.78
CA VAL C 20 0.01 20.81 6.07
C VAL C 20 0.30 22.07 5.26
N PRO C 21 0.84 23.12 5.86
CA PRO C 21 1.09 24.36 5.11
C PRO C 21 2.36 24.30 4.28
N CYS C 22 2.39 25.11 3.22
CA CYS C 22 3.60 25.32 2.44
C CYS C 22 4.03 26.78 2.55
N GLY C 23 5.32 27.01 2.34
CA GLY C 23 5.82 28.37 2.30
C GLY C 23 5.54 29.11 3.59
N VAL C 24 5.20 30.39 3.45
CA VAL C 24 5.02 31.27 4.60
C VAL C 24 3.63 31.90 4.49
N PRO C 25 3.10 32.43 5.60
CA PRO C 25 1.75 33.00 5.55
C PRO C 25 1.58 34.11 4.53
N ASP C 26 2.64 34.87 4.24
CA ASP C 26 2.57 35.96 3.29
C ASP C 26 2.77 35.50 1.84
N ILE C 27 2.84 34.19 1.60
CA ILE C 27 3.16 33.69 0.28
C ILE C 27 2.01 33.98 -0.68
N SER C 28 2.35 34.49 -1.87
CA SER C 28 1.34 34.85 -2.84
C SER C 28 0.74 33.59 -3.47
N PRO C 29 -0.45 33.71 -4.07
CA PRO C 29 -1.04 32.53 -4.73
C PRO C 29 -0.15 31.97 -5.84
N SER C 30 0.44 32.83 -6.65
CA SER C 30 1.32 32.35 -7.72
C SER C 30 2.52 31.61 -7.15
N ALA C 31 3.11 32.14 -6.08
CA ALA C 31 4.26 31.47 -5.47
C ALA C 31 3.87 30.12 -4.89
N CYS C 32 2.64 29.99 -4.39
CA CYS C 32 2.18 28.73 -3.84
C CYS C 32 1.86 27.72 -4.93
N ASP C 33 1.33 28.18 -6.07
CA ASP C 33 1.06 27.25 -7.17
C ASP C 33 2.33 26.85 -7.91
N ALA C 34 3.36 27.70 -7.90
CA ALA C 34 4.60 27.36 -8.59
C ALA C 34 5.43 26.33 -7.84
N ILE C 35 5.00 25.90 -6.66
CA ILE C 35 5.77 24.96 -5.85
C ILE C 35 4.96 23.70 -5.59
N ASP C 36 4.07 23.34 -6.52
CA ASP C 36 3.23 22.15 -6.38
C ASP C 36 2.42 22.17 -5.07
N CYS C 37 1.93 23.34 -4.67
CA CYS C 37 0.96 23.47 -3.59
C CYS C 37 -0.27 24.23 -4.08
N CYS C 38 -1.39 23.99 -3.42
CA CYS C 38 -2.65 24.60 -3.78
C CYS C 38 -2.95 25.78 -2.87
N HIS C 39 -3.63 26.78 -3.42
CA HIS C 39 -4.09 27.94 -2.69
C HIS C 39 -5.60 27.91 -2.57
N ASP C 40 -6.13 28.67 -1.60
CA ASP C 40 -7.56 28.80 -1.41
C ASP C 40 -8.00 30.24 -1.25
N GLY C 41 -7.12 31.20 -1.55
CA GLY C 41 -7.39 32.60 -1.36
C GLY C 41 -6.90 33.15 -0.04
N GLN C 42 -6.63 32.27 0.95
CA GLN C 42 -6.18 32.71 2.26
C GLN C 42 -5.09 31.83 2.86
N SER C 43 -4.70 30.75 2.20
CA SER C 43 -3.69 29.86 2.78
C SER C 43 -3.09 29.00 1.68
N CYS C 44 -1.92 28.42 1.98
CA CYS C 44 -1.23 27.50 1.11
C CYS C 44 -1.13 26.16 1.83
N TYR C 45 -1.62 25.09 1.17
CA TYR C 45 -1.55 23.75 1.73
C TYR C 45 -1.31 22.76 0.61
N PHE C 46 -0.69 21.63 0.95
CA PHE C 46 -0.28 20.67 -0.05
C PHE C 46 -1.48 19.97 -0.68
N GLY C 47 -1.39 19.76 -2.00
CA GLY C 47 -2.49 19.24 -2.77
C GLY C 47 -2.52 17.73 -2.78
N THR C 48 -3.35 17.20 -3.67
CA THR C 48 -3.50 15.76 -3.80
C THR C 48 -2.23 15.14 -4.37
N GLY C 49 -2.07 13.83 -4.13
CA GLY C 49 -0.87 13.13 -4.55
C GLY C 49 0.25 13.23 -3.54
N ALA C 50 1.46 13.48 -4.02
CA ALA C 50 2.63 13.66 -3.17
C ALA C 50 3.44 14.84 -3.68
N THR C 51 4.28 15.40 -2.82
CA THR C 51 5.08 16.55 -3.21
C THR C 51 6.47 16.50 -2.59
N VAL C 52 7.45 17.00 -3.34
CA VAL C 52 8.83 17.09 -2.89
C VAL C 52 9.30 18.52 -3.12
N GLN C 53 9.95 19.09 -2.11
CA GLN C 53 10.45 20.46 -2.19
C GLN C 53 11.85 20.53 -1.60
N CYS C 54 12.58 21.55 -2.01
CA CYS C 54 13.96 21.77 -1.59
C CYS C 54 14.10 23.19 -1.05
N THR C 55 15.07 23.38 -0.16
CA THR C 55 15.26 24.65 0.52
C THR C 55 16.72 25.09 0.43
N LYS C 56 16.94 26.39 0.60
CA LYS C 56 18.28 26.96 0.47
C LYS C 56 19.23 26.47 1.56
N ASP C 57 18.71 26.04 2.71
CA ASP C 57 19.53 25.54 3.80
C ASP C 57 20.07 24.14 3.55
N GLY C 58 19.59 23.45 2.52
CA GLY C 58 20.12 22.14 2.16
C GLY C 58 19.40 20.99 2.83
N HIS C 59 18.08 21.02 2.83
CA HIS C 59 17.26 19.95 3.39
C HIS C 59 16.25 19.47 2.35
N PHE C 60 15.79 18.24 2.52
CA PHE C 60 14.68 17.72 1.74
C PHE C 60 13.38 17.95 2.49
N ILE C 61 12.31 18.23 1.74
CA ILE C 61 10.96 18.26 2.27
C ILE C 61 10.17 17.24 1.48
N VAL C 62 9.69 16.20 2.15
CA VAL C 62 8.94 15.13 1.49
C VAL C 62 7.57 15.06 2.15
N VAL C 63 6.52 15.24 1.35
CA VAL C 63 5.14 15.21 1.81
C VAL C 63 4.40 14.10 1.08
N VAL C 64 3.83 13.16 1.84
CA VAL C 64 3.16 12.00 1.28
C VAL C 64 1.78 11.87 1.89
N ALA C 65 0.78 11.67 1.03
CA ALA C 65 -0.58 11.40 1.49
C ALA C 65 -0.80 9.89 1.59
N LYS C 66 -1.70 9.48 2.48
CA LYS C 66 -1.93 8.05 2.66
C LYS C 66 -2.74 7.45 1.52
N ASP C 67 -3.34 8.27 0.65
CA ASP C 67 -4.11 7.77 -0.48
C ASP C 67 -3.26 7.52 -1.71
N VAL C 68 -1.95 7.73 -1.64
CA VAL C 68 -1.09 7.54 -2.80
C VAL C 68 -1.20 6.12 -3.32
N THR C 69 -1.37 5.14 -2.44
CA THR C 69 -1.47 3.74 -2.81
C THR C 69 -2.77 3.15 -2.29
N LEU C 70 -3.14 2.00 -2.86
CA LEU C 70 -4.30 1.24 -2.43
C LEU C 70 -3.82 -0.17 -2.09
N PRO C 71 -3.99 -0.65 -0.85
CA PRO C 71 -4.59 0.03 0.30
C PRO C 71 -3.76 1.20 0.83
N HIS C 72 -4.42 2.10 1.56
CA HIS C 72 -3.74 3.23 2.20
C HIS C 72 -2.66 2.70 3.12
N ILE C 73 -1.40 2.79 2.69
CA ILE C 73 -0.33 2.06 3.33
C ILE C 73 -0.24 2.44 4.80
N ASP C 74 -0.21 1.44 5.67
CA ASP C 74 0.09 1.67 7.07
C ASP C 74 1.49 2.25 7.18
N LEU C 75 1.59 3.46 7.73
CA LEU C 75 2.79 4.28 7.61
C LEU C 75 4.00 3.69 8.31
N GLU C 76 3.85 2.62 9.08
CA GLU C 76 4.99 2.04 9.80
C GLU C 76 5.98 1.35 8.89
N THR C 77 5.62 1.09 7.63
CA THR C 77 6.36 0.18 6.77
C THR C 77 7.35 0.86 5.83
N ILE C 78 7.33 2.18 5.72
CA ILE C 78 8.10 2.87 4.71
C ILE C 78 9.43 3.33 5.29
N SER C 79 10.49 3.24 4.48
CA SER C 79 11.82 3.66 4.88
C SER C 79 12.53 4.26 3.66
N LEU C 80 13.55 5.07 3.94
CA LEU C 80 14.28 5.78 2.91
C LEU C 80 15.32 4.88 2.25
N LEU C 81 16.10 5.47 1.33
CA LEU C 81 17.19 4.75 0.70
C LEU C 81 18.25 4.34 1.72
N GLY C 82 18.50 5.21 2.70
CA GLY C 82 19.36 4.89 3.82
C GLY C 82 18.62 5.03 5.13
N GLN C 83 19.13 4.41 6.19
CA GLN C 83 18.47 4.41 7.49
C GLN C 83 19.31 5.14 8.51
N GLY C 84 18.66 5.53 9.60
CA GLY C 84 19.33 6.24 10.67
C GLY C 84 18.32 6.85 11.62
N GLN C 85 18.86 7.59 12.60
CA GLN C 85 18.00 8.26 13.57
C GLN C 85 17.22 9.40 12.92
N ASP C 86 17.91 10.27 12.18
CA ASP C 86 17.30 11.41 11.53
C ASP C 86 16.58 11.05 10.23
N CYS C 87 16.34 9.76 9.99
CA CYS C 87 15.76 9.31 8.73
C CYS C 87 14.33 8.85 8.87
N GLY C 88 13.73 9.02 10.05
CA GLY C 88 12.37 8.63 10.28
C GLY C 88 11.40 9.75 10.01
N PRO C 89 10.11 9.48 10.22
CA PRO C 89 9.11 10.53 9.99
C PRO C 89 9.23 11.65 11.01
N ALA C 90 8.81 12.83 10.60
CA ALA C 90 8.71 13.98 11.47
C ALA C 90 7.25 14.16 11.88
N ASP C 91 6.94 15.30 12.49
CA ASP C 91 5.56 15.64 12.82
C ASP C 91 4.67 15.40 11.60
N SER C 92 3.53 14.73 11.83
CA SER C 92 2.64 14.34 10.74
C SER C 92 1.20 14.35 11.27
N ASN C 93 0.28 13.73 10.54
CA ASN C 93 -1.11 13.69 10.95
C ASN C 93 -1.75 12.40 10.42
N SER C 94 -3.09 12.35 10.48
CA SER C 94 -3.80 11.11 10.17
C SER C 94 -3.77 10.76 8.69
N ALA C 95 -3.60 11.76 7.82
CA ALA C 95 -3.67 11.55 6.38
C ALA C 95 -2.34 11.68 5.67
N PHE C 96 -1.43 12.51 6.18
CA PHE C 96 -0.14 12.73 5.56
C PHE C 96 0.99 12.35 6.50
N ALA C 97 2.18 12.27 5.91
CA ALA C 97 3.42 12.14 6.66
C ALA C 97 4.48 13.00 5.99
N ILE C 98 5.36 13.57 6.82
CA ILE C 98 6.40 14.48 6.37
C ILE C 98 7.75 13.92 6.79
N TYR C 99 8.69 13.89 5.86
CA TYR C 99 10.08 13.56 6.14
C TYR C 99 10.95 14.77 5.83
N TYR C 100 11.73 15.17 6.84
CA TYR C 100 12.57 16.36 6.77
C TYR C 100 13.94 15.98 7.30
N PHE C 101 14.96 16.16 6.46
CA PHE C 101 16.30 15.69 6.79
C PHE C 101 17.29 16.42 5.91
N PRO C 102 18.53 16.60 6.36
CA PRO C 102 19.54 17.24 5.51
C PRO C 102 19.77 16.44 4.24
N VAL C 103 20.25 17.14 3.21
CA VAL C 103 20.55 16.48 1.94
C VAL C 103 21.82 15.63 2.00
N THR C 104 22.57 15.71 3.09
CA THR C 104 23.75 14.88 3.31
C THR C 104 23.44 13.63 4.12
N TYR C 105 22.17 13.40 4.46
CA TYR C 105 21.77 12.37 5.40
C TYR C 105 21.05 11.25 4.67
N CYS C 106 20.90 10.13 5.39
CA CYS C 106 19.96 9.09 5.00
C CYS C 106 20.19 8.61 3.58
N GLY C 107 21.46 8.30 3.27
CA GLY C 107 21.78 7.64 2.03
C GLY C 107 21.52 8.46 0.78
N THR C 108 21.33 9.76 0.92
CA THR C 108 21.15 10.61 -0.25
C THR C 108 22.41 10.58 -1.10
N VAL C 109 22.23 10.43 -2.41
CA VAL C 109 23.36 10.43 -3.34
C VAL C 109 23.54 11.83 -3.91
N VAL C 110 24.79 12.23 -4.11
CA VAL C 110 25.13 13.55 -4.63
C VAL C 110 25.81 13.38 -5.98
N MET C 111 25.48 14.27 -6.92
CA MET C 111 26.03 14.25 -8.26
C MET C 111 26.27 15.68 -8.72
N GLU C 112 27.21 15.82 -9.65
CA GLU C 112 27.64 17.12 -10.16
C GLU C 112 27.26 17.26 -11.63
N GLU C 113 26.80 18.44 -12.00
CA GLU C 113 26.56 18.83 -13.39
C GLU C 113 27.19 20.19 -13.61
N PRO C 114 27.71 20.47 -14.81
CA PRO C 114 28.53 21.67 -14.99
C PRO C 114 27.89 22.95 -14.50
N GLY C 115 26.58 22.95 -14.29
CA GLY C 115 25.89 24.13 -13.82
C GLY C 115 24.86 23.87 -12.73
N VAL C 116 24.81 22.64 -12.23
CA VAL C 116 23.82 22.25 -11.24
C VAL C 116 24.46 21.27 -10.25
N ILE C 117 23.98 21.31 -9.01
CA ILE C 117 24.36 20.33 -7.99
C ILE C 117 23.12 19.52 -7.65
N VAL C 118 23.17 18.21 -7.85
CA VAL C 118 22.00 17.34 -7.80
C VAL C 118 22.11 16.43 -6.59
N TYR C 119 21.03 16.33 -5.83
CA TYR C 119 20.86 15.35 -4.77
C TYR C 119 19.72 14.43 -5.18
N GLU C 120 19.84 13.13 -4.92
CA GLU C 120 18.81 12.19 -5.27
C GLU C 120 18.55 11.23 -4.12
N ASN C 121 17.27 10.94 -3.89
CA ASN C 121 16.90 9.92 -2.91
C ASN C 121 15.58 9.27 -3.35
N ARG C 122 15.42 8.01 -2.96
CA ARG C 122 14.28 7.20 -3.38
C ARG C 122 13.68 6.52 -2.16
N MET C 123 12.41 6.78 -1.91
CA MET C 123 11.65 6.07 -0.89
C MET C 123 11.09 4.78 -1.47
N THR C 124 11.21 3.70 -0.69
CA THR C 124 10.67 2.41 -1.08
C THR C 124 10.06 1.75 0.15
N SER C 125 8.77 1.43 0.08
CA SER C 125 8.12 0.67 1.15
C SER C 125 8.38 -0.82 0.95
N SER C 126 8.61 -1.52 2.05
CA SER C 126 8.79 -2.98 2.03
C SER C 126 7.41 -3.61 2.19
N TYR C 127 6.78 -3.92 1.06
CA TYR C 127 5.48 -4.58 1.07
C TYR C 127 5.70 -6.08 1.34
N GLU C 128 5.05 -6.58 2.40
CA GLU C 128 5.33 -7.92 2.88
C GLU C 128 4.71 -8.98 1.99
N VAL C 129 5.46 -10.06 1.77
CA VAL C 129 5.00 -11.22 1.02
C VAL C 129 4.81 -12.36 2.02
N GLY C 130 3.61 -12.93 2.05
CA GLY C 130 3.34 -14.07 2.91
C GLY C 130 3.53 -15.38 2.14
N VAL C 131 4.07 -16.37 2.83
CA VAL C 131 4.49 -17.62 2.19
C VAL C 131 3.83 -18.79 2.91
N GLY C 132 3.39 -19.77 2.12
CA GLY C 132 2.91 -21.03 2.65
C GLY C 132 3.55 -22.18 1.91
N PRO C 133 3.17 -23.41 2.25
CA PRO C 133 3.79 -24.56 1.59
C PRO C 133 3.43 -24.68 0.11
N LEU C 134 2.33 -24.07 -0.33
CA LEU C 134 1.84 -24.25 -1.69
C LEU C 134 1.85 -22.98 -2.53
N GLY C 135 2.27 -21.85 -1.98
CA GLY C 135 2.32 -20.64 -2.77
C GLY C 135 2.71 -19.44 -1.94
N ALA C 136 2.53 -18.27 -2.56
CA ALA C 136 2.82 -16.99 -1.91
C ALA C 136 1.72 -16.01 -2.26
N ILE C 137 1.46 -15.10 -1.33
CA ILE C 137 0.44 -14.07 -1.49
C ILE C 137 0.98 -12.76 -0.95
N THR C 138 0.19 -11.70 -1.10
CA THR C 138 0.48 -10.44 -0.44
C THR C 138 -0.82 -9.67 -0.29
N ARG C 139 -0.83 -8.74 0.65
CA ARG C 139 -1.95 -7.84 0.86
C ARG C 139 -1.52 -6.39 0.89
N ASP C 140 -0.25 -6.11 0.61
CA ASP C 140 0.30 -4.76 0.68
C ASP C 140 0.73 -4.33 -0.72
N SER C 141 0.36 -3.11 -1.10
CA SER C 141 0.73 -2.56 -2.39
C SER C 141 2.13 -1.97 -2.32
N SER C 142 2.89 -2.14 -3.39
CA SER C 142 4.25 -1.61 -3.43
C SER C 142 4.23 -0.09 -3.57
N PHE C 143 5.28 0.54 -3.04
CA PHE C 143 5.44 1.98 -3.13
C PHE C 143 6.87 2.30 -3.56
N GLU C 144 7.00 3.32 -4.41
CA GLU C 144 8.30 3.79 -4.85
C GLU C 144 8.18 5.25 -5.25
N LEU C 145 9.07 6.09 -4.70
CA LEU C 145 9.07 7.52 -5.01
C LEU C 145 10.52 7.97 -5.20
N LEU C 146 10.88 8.23 -6.45
CA LEU C 146 12.18 8.80 -6.80
C LEU C 146 12.08 10.32 -6.79
N PHE C 147 13.10 10.99 -6.25
CA PHE C 147 13.07 12.44 -6.28
C PHE C 147 14.48 13.02 -6.25
N GLN C 148 14.60 14.19 -6.88
CA GLN C 148 15.83 14.95 -6.98
C GLN C 148 15.62 16.35 -6.43
N CYS C 149 16.70 16.92 -5.89
CA CYS C 149 16.81 18.34 -5.63
C CYS C 149 17.96 18.86 -6.48
N ARG C 150 17.76 19.99 -7.15
CA ARG C 150 18.73 20.52 -8.10
C ARG C 150 19.00 21.98 -7.76
N TYR C 151 20.15 22.25 -7.16
CA TYR C 151 20.51 23.61 -6.77
C TYR C 151 21.33 24.27 -7.87
N ARG C 152 20.95 25.50 -8.21
CA ARG C 152 21.58 26.23 -9.29
C ARG C 152 22.84 26.95 -8.80
N ALA C 153 23.92 26.80 -9.54
CA ALA C 153 25.11 27.63 -9.35
C ALA C 153 24.91 28.91 -10.16
N THR C 154 26.01 29.59 -10.51
CA THR C 154 25.98 30.71 -11.44
C THR C 154 25.10 31.86 -10.93
N SER C 155 25.38 32.28 -9.70
CA SER C 155 24.78 33.50 -9.16
C SER C 155 25.63 34.70 -9.55
N VAL C 156 24.97 35.82 -9.81
CA VAL C 156 25.62 37.05 -10.26
C VAL C 156 25.48 38.09 -9.15
N GLU C 157 26.59 38.75 -8.80
CA GLU C 157 26.64 39.67 -7.68
C GLU C 157 27.34 40.95 -8.09
N THR C 158 27.03 42.05 -7.39
CA THR C 158 27.55 43.36 -7.70
C THR C 158 27.79 44.17 -6.43
N LEU C 159 28.86 44.96 -6.43
CA LEU C 159 29.14 45.91 -5.36
C LEU C 159 29.70 47.19 -5.99
N VAL C 160 29.87 48.22 -5.17
CA VAL C 160 30.30 49.53 -5.65
C VAL C 160 31.33 50.12 -4.71
N VAL C 161 32.29 50.84 -5.28
CA VAL C 161 33.34 51.51 -4.52
C VAL C 161 33.48 52.94 -5.02
N GLU C 162 34.28 53.72 -4.31
CA GLU C 162 34.65 55.06 -4.73
C GLU C 162 36.14 55.24 -4.51
N VAL C 163 36.81 55.84 -5.48
CA VAL C 163 38.26 56.05 -5.44
C VAL C 163 38.55 57.51 -5.77
N GLN C 164 39.42 58.13 -4.99
CA GLN C 164 39.78 59.53 -5.14
C GLN C 164 41.29 59.67 -5.01
N PRO C 165 41.87 60.75 -5.53
CA PRO C 165 43.32 60.93 -5.47
C PRO C 165 43.77 61.17 -4.04
N PRO C 166 45.05 60.89 -3.71
CA PRO C 166 45.63 61.26 -2.41
C PRO C 166 46.08 62.72 -2.36
C1 NAG D . -11.80 -31.71 -1.20
C2 NAG D . -11.21 -32.65 -2.25
C3 NAG D . -10.19 -33.59 -1.62
C4 NAG D . -9.12 -32.78 -0.89
C5 NAG D . -9.79 -31.81 0.10
C6 NAG D . -8.80 -30.89 0.78
C7 NAG D . -13.15 -34.24 -2.47
C8 NAG D . -13.09 -34.47 -0.98
N2 NAG D . -12.23 -33.39 -2.99
O3 NAG D . -9.58 -34.39 -2.63
O4 NAG D . -8.24 -33.63 -0.19
O5 NAG D . -10.75 -30.97 -0.57
O6 NAG D . -9.13 -30.69 2.14
O7 NAG D . -13.96 -34.80 -3.18
H2 NAG D . -10.75 -32.09 -2.91
H3 NAG D . -10.63 -34.17 -0.99
H4 NAG D . -8.62 -32.26 -1.55
H5 NAG D . -10.25 -32.34 0.77
H61 NAG D . -7.91 -31.28 0.72
H62 NAG D . -8.80 -30.03 0.32
H81 NAG D . -12.41 -35.15 -0.79
H82 NAG D . -12.86 -33.64 -0.54
H83 NAG D . -13.96 -34.78 -0.68
HN2 NAG D . -12.27 -33.26 -3.90
HO3 NAG D . -8.79 -34.04 -2.85
HO6 NAG D . -10.01 -30.57 2.22
C1 NAG D . -6.89 -33.52 -0.71
C2 NAG D . -5.88 -33.80 0.40
C3 NAG D . -4.46 -33.70 -0.15
C4 NAG D . -4.29 -34.60 -1.38
C5 NAG D . -5.39 -34.34 -2.40
C6 NAG D . -5.38 -35.32 -3.54
C7 NAG D . -6.50 -33.30 2.72
C8 NAG D . -6.63 -32.24 3.76
N2 NAG D . -6.06 -32.90 1.53
O3 NAG D . -3.54 -34.09 0.87
O4 NAG D . -3.03 -34.33 -2.00
O5 NAG D . -6.69 -34.43 -1.80
O6 NAG D . -6.27 -34.95 -4.59
O7 NAG D . -6.80 -34.47 2.94
H2 NAG D . -6.02 -34.72 0.71
H3 NAG D . -4.28 -32.78 -0.41
H4 NAG D . -4.34 -35.53 -1.08
H5 NAG D . -5.29 -33.42 -2.75
H61 NAG D . -4.47 -35.37 -3.91
H62 NAG D . -5.63 -36.21 -3.21
H81 NAG D . -5.73 -31.96 4.04
H82 NAG D . -7.11 -31.48 3.40
H83 NAG D . -7.11 -32.59 4.53
HN2 NAG D . -5.85 -32.02 1.41
HO3 NAG D . -2.84 -33.54 0.85
HO6 NAG D . -6.99 -34.57 -4.23
C1 BMA D . -2.09 -35.37 -1.68
C2 BMA D . -1.21 -35.67 -2.93
C3 BMA D . -0.11 -36.69 -2.56
C4 BMA D . 0.62 -36.28 -1.28
C5 BMA D . -0.39 -35.99 -0.14
C6 BMA D . 0.27 -35.47 1.15
O2 BMA D . -0.54 -34.51 -3.38
O3 BMA D . 0.81 -36.85 -3.63
O4 BMA D . 1.50 -37.32 -0.87
O5 BMA D . -1.29 -34.98 -0.59
O6 BMA D . -0.78 -35.12 2.07
H2 BMA D . -1.85 -36.08 -3.72
H3 BMA D . -0.57 -37.67 -2.39
H4 BMA D . 1.17 -35.34 -1.47
H5 BMA D . -0.92 -36.93 0.10
H61 BMA D . 0.91 -36.27 1.55
H62 BMA D . 0.90 -34.61 0.90
HO2 BMA D . 0.09 -34.80 -4.05
HO3 BMA D . 1.46 -37.51 -3.31
HO4 BMA D . 2.11 -36.91 -0.23
HO6 BMA D . -1.49 -35.76 1.96
YB YB E . -27.87 -50.44 7.07
YB YB F . -14.20 -44.15 2.23
YB YB G . 1.70 17.02 14.01
YB YB H . -0.92 1.16 11.77
#